data_9J3N
#
_entry.id   9J3N
#
_cell.length_a   1.00
_cell.length_b   1.00
_cell.length_c   1.00
_cell.angle_alpha   90.00
_cell.angle_beta   90.00
_cell.angle_gamma   90.00
#
_symmetry.space_group_name_H-M   'P 1'
#
loop_
_entity.id
_entity.type
_entity.pdbx_description
1 polymer 1D10
2 polymer 'ADP,ATP carrier protein 1'
3 non-polymer "ADENOSINE-5'-TRIPHOSPHATE"
#
loop_
_entity_poly.entity_id
_entity_poly.type
_entity_poly.pdbx_seq_one_letter_code
_entity_poly.pdbx_strand_id
1 'polypeptide(L)'
;EVQLVESGGGLVQAGGSLRLSCAASGFTFSDTYMGWFRQAPGKEREFVATIDYSGGHTLYADSVKGRFTISRDNSKNTVY
LQMNSLNPEDTAVYYCAARKRYHYYSYWGQGTQVTVSSLEH
;
B
2 'polypeptide(L)'
;MTKTEEKPFGKLRSFLWPIHTHELKKVLPMFLMFFCITFNYTVLRDTKDTLIVGAPGSGAEAIPFIKFWLVVPCAIIFML
IYAKLSNILSKQALFYAVGTPFLIFFALFPTVIYPLRDVLHPTEFADRLQAILPPGLLGLVAILRNWTFAAFYVLAELWG
SVMLSLMFWGFANEITKIHEAKRFYALFGIGANISLLASGRAIVWASKLRASVSEGVDPWGISLRLLMAMTIVSGLVLMA
SYWWINKNVLTDPRFYNPEEMQKGKKGAKPKMNMKDSFLYLARSPYILLLALLVIAYGICINLIEVTWKSQLKLQYPNMN
DYSEFMGNFSFWTGVVSVLIMLFVGGNVIRKFGWLTGALVTPVMVLLTGIVFFALVIFRNQASGLVAMFGTTPLMLAVVV
GAIQNILSKSTKYALFDSTKEMAYIPLDQEQKVKGKAAIDVVAARFGKSGGALIQQGLLVICGSIGAMTPYLAVILLFII
AIWLVSATKLNKLFLAQSALKEQEVAQEDSAPASSVDELTSRGRGSGGLNDIFEAQKIEWHEGSGLEVLFQGPDYKDDDD
KWSHPQFEKGGGGSGGSAWSHPQFEK
;
A
#
loop_
_chem_comp.id
_chem_comp.type
_chem_comp.name
_chem_comp.formula
ATP non-polymer ADENOSINE-5'-TRIPHOSPHATE 'C10 H16 N5 O13 P3'
#
# COMPACT_ATOMS: atom_id res chain seq x y z
N GLU A 1 -31.80 26.31 24.21
CA GLU A 1 -31.91 25.62 22.92
C GLU A 1 -31.04 24.37 22.89
N VAL A 2 -29.75 24.54 23.14
CA VAL A 2 -28.81 23.42 23.14
C VAL A 2 -27.98 23.51 24.42
N GLN A 3 -28.61 23.97 25.50
CA GLN A 3 -27.91 24.24 26.76
C GLN A 3 -27.21 23.01 27.30
N LEU A 4 -25.89 23.08 27.37
CA LEU A 4 -25.07 22.10 28.08
C LEU A 4 -24.53 22.74 29.34
N VAL A 5 -24.38 21.94 30.39
CA VAL A 5 -23.85 22.44 31.66
C VAL A 5 -23.10 21.31 32.35
N GLU A 6 -21.95 21.64 32.92
CA GLU A 6 -21.12 20.66 33.60
C GLU A 6 -21.25 20.80 35.11
N SER A 7 -20.85 19.74 35.82
CA SER A 7 -20.85 19.72 37.27
C SER A 7 -19.89 18.65 37.74
N GLY A 8 -19.36 18.84 38.95
CA GLY A 8 -18.45 17.89 39.54
C GLY A 8 -17.00 18.30 39.55
N GLY A 9 -16.68 19.52 39.12
CA GLY A 9 -15.32 19.98 39.17
C GLY A 9 -14.90 20.42 40.55
N GLY A 10 -13.61 20.62 40.72
CA GLY A 10 -13.07 21.04 41.99
C GLY A 10 -11.64 20.55 42.14
N LEU A 11 -11.33 20.06 43.34
CA LEU A 11 -10.00 19.56 43.65
C LEU A 11 -10.13 18.42 44.66
N VAL A 12 -9.30 17.39 44.50
CA VAL A 12 -9.19 16.37 45.53
C VAL A 12 -7.74 16.22 46.01
N GLN A 13 -6.86 15.70 45.15
CA GLN A 13 -5.42 15.61 45.41
C GLN A 13 -4.80 14.89 44.20
N ALA A 14 -3.47 14.81 44.21
CA ALA A 14 -2.74 14.13 43.14
C ALA A 14 -2.89 12.62 43.26
N GLY A 15 -3.86 12.06 42.55
CA GLY A 15 -4.13 10.63 42.62
C GLY A 15 -5.54 10.35 43.11
N GLY A 16 -6.35 11.38 43.22
CA GLY A 16 -7.71 11.26 43.72
C GLY A 16 -8.67 10.75 42.67
N SER A 17 -9.91 11.22 42.76
CA SER A 17 -10.96 10.78 41.85
C SER A 17 -12.06 11.83 41.79
N LEU A 18 -12.67 11.96 40.62
CA LEU A 18 -13.77 12.89 40.41
C LEU A 18 -14.70 12.32 39.35
N ARG A 19 -15.96 12.72 39.42
CA ARG A 19 -16.98 12.27 38.47
C ARG A 19 -17.70 13.50 37.91
N LEU A 20 -17.44 13.83 36.65
CA LEU A 20 -18.07 14.97 36.03
C LEU A 20 -19.45 14.60 35.50
N SER A 21 -20.29 15.63 35.33
CA SER A 21 -21.64 15.46 34.82
C SER A 21 -21.86 16.39 33.65
N CYS A 22 -22.78 16.02 32.78
CA CYS A 22 -23.08 16.79 31.57
C CYS A 22 -24.60 16.90 31.39
N ALA A 23 -25.29 17.35 32.43
CA ALA A 23 -26.75 17.33 32.47
C ALA A 23 -27.28 18.33 31.45
N ALA A 24 -27.32 17.87 30.20
CA ALA A 24 -27.68 18.69 29.05
C ALA A 24 -29.21 18.75 28.88
N SER A 25 -29.63 19.53 27.89
CA SER A 25 -31.03 19.67 27.55
C SER A 25 -31.13 20.30 26.16
N GLY A 26 -32.26 20.06 25.51
CA GLY A 26 -32.58 20.72 24.27
C GLY A 26 -32.28 19.96 22.99
N PHE A 27 -32.24 18.63 23.03
CA PHE A 27 -32.00 17.84 21.84
C PHE A 27 -32.30 16.38 22.14
N THR A 28 -32.42 15.58 21.08
CA THR A 28 -32.69 14.15 21.21
C THR A 28 -31.42 13.47 21.70
N PHE A 29 -31.31 13.33 23.02
CA PHE A 29 -30.09 12.78 23.62
C PHE A 29 -29.77 11.39 23.10
N SER A 30 -30.80 10.61 22.74
CA SER A 30 -30.56 9.27 22.21
C SER A 30 -29.92 9.30 20.83
N ASP A 31 -29.81 10.47 20.20
CA ASP A 31 -29.27 10.59 18.85
C ASP A 31 -28.22 11.69 18.77
N THR A 32 -27.33 11.74 19.76
CA THR A 32 -26.25 12.72 19.78
C THR A 32 -24.97 12.05 20.26
N TYR A 33 -23.85 12.49 19.69
CA TYR A 33 -22.53 11.97 20.03
C TYR A 33 -21.90 12.89 21.07
N MET A 34 -21.72 12.39 22.28
CA MET A 34 -21.20 13.19 23.37
C MET A 34 -19.73 12.89 23.60
N GLY A 35 -19.12 13.65 24.50
CA GLY A 35 -17.72 13.44 24.83
C GLY A 35 -17.22 14.55 25.74
N TRP A 36 -15.97 14.38 26.17
CA TRP A 36 -15.34 15.30 27.11
C TRP A 36 -14.01 15.79 26.55
N PHE A 37 -13.76 17.08 26.69
CA PHE A 37 -12.52 17.72 26.29
C PHE A 37 -11.94 18.47 27.48
N ARG A 38 -10.72 18.96 27.31
CA ARG A 38 -10.10 19.79 28.34
C ARG A 38 -9.12 20.76 27.69
N GLN A 39 -8.94 21.91 28.34
CA GLN A 39 -8.09 22.98 27.81
C GLN A 39 -7.35 23.61 28.98
N ALA A 40 -6.11 23.18 29.21
CA ALA A 40 -5.30 23.80 30.23
C ALA A 40 -4.89 25.20 29.79
N PRO A 41 -4.64 26.11 30.74
CA PRO A 41 -4.20 27.46 30.36
C PRO A 41 -2.86 27.42 29.65
N GLY A 42 -2.83 27.97 28.44
CA GLY A 42 -1.65 27.95 27.61
C GLY A 42 -1.53 26.77 26.67
N LYS A 43 -2.46 25.82 26.75
CA LYS A 43 -2.48 24.66 25.87
C LYS A 43 -3.69 24.71 24.96
N GLU A 44 -3.70 23.82 23.97
CA GLU A 44 -4.81 23.70 23.05
C GLU A 44 -5.81 22.67 23.56
N ARG A 45 -7.07 22.85 23.17
CA ARG A 45 -8.14 21.99 23.65
C ARG A 45 -7.99 20.58 23.08
N GLU A 46 -7.74 19.63 23.98
CA GLU A 46 -7.60 18.22 23.62
C GLU A 46 -8.81 17.44 24.12
N PHE A 47 -9.06 16.29 23.50
CA PHE A 47 -10.21 15.48 23.88
C PHE A 47 -9.80 14.45 24.92
N VAL A 48 -10.74 14.10 25.78
CA VAL A 48 -10.53 13.14 26.85
C VAL A 48 -11.20 11.81 26.55
N ALA A 49 -12.47 11.84 26.16
CA ALA A 49 -13.22 10.63 25.89
C ALA A 49 -14.50 11.00 25.16
N THR A 50 -15.01 10.06 24.37
CA THR A 50 -16.27 10.22 23.68
C THR A 50 -17.09 8.94 23.79
N ILE A 51 -18.41 9.09 23.83
CA ILE A 51 -19.33 7.98 23.97
C ILE A 51 -20.22 7.93 22.73
N ASP A 52 -20.36 6.74 22.13
CA ASP A 52 -20.87 6.68 20.77
C ASP A 52 -22.31 7.14 20.61
N TYR A 53 -23.29 6.32 20.98
CA TYR A 53 -24.68 6.77 21.05
C TYR A 53 -25.41 6.10 22.19
N SER A 54 -24.86 4.98 22.65
CA SER A 54 -25.50 4.21 23.71
C SER A 54 -24.49 3.59 24.67
N GLY A 55 -23.19 3.80 24.46
CA GLY A 55 -22.16 3.19 25.28
C GLY A 55 -21.39 2.08 24.61
N GLY A 56 -21.72 1.73 23.37
CA GLY A 56 -21.00 0.66 22.70
C GLY A 56 -19.56 1.03 22.42
N HIS A 57 -19.34 2.14 21.73
CA HIS A 57 -18.02 2.57 21.33
C HIS A 57 -17.56 3.72 22.21
N THR A 58 -16.43 3.55 22.85
CA THR A 58 -15.78 4.61 23.62
C THR A 58 -14.40 4.86 23.04
N LEU A 59 -14.01 6.13 22.98
CA LEU A 59 -12.71 6.52 22.44
C LEU A 59 -12.03 7.42 23.46
N TYR A 60 -11.00 6.90 24.11
CA TYR A 60 -10.26 7.65 25.12
C TYR A 60 -8.97 8.21 24.52
N ALA A 61 -8.52 9.32 25.09
CA ALA A 61 -7.21 9.85 24.73
C ALA A 61 -6.12 8.93 25.26
N ASP A 62 -5.05 8.78 24.48
CA ASP A 62 -3.97 7.89 24.87
C ASP A 62 -3.33 8.30 26.20
N SER A 63 -3.55 9.54 26.64
CA SER A 63 -3.00 9.99 27.90
C SER A 63 -3.89 9.69 29.10
N VAL A 64 -5.13 9.25 28.87
CA VAL A 64 -6.05 8.97 29.97
C VAL A 64 -6.62 7.57 29.83
N LYS A 65 -6.11 6.82 28.85
CA LYS A 65 -6.63 5.47 28.60
C LYS A 65 -6.41 4.58 29.83
N GLY A 66 -7.45 3.86 30.22
CA GLY A 66 -7.42 3.01 31.39
C GLY A 66 -7.80 3.71 32.68
N ARG A 67 -7.43 4.99 32.82
CA ARG A 67 -7.79 5.73 34.02
C ARG A 67 -9.23 6.23 33.96
N PHE A 68 -9.55 7.02 32.93
CA PHE A 68 -10.86 7.61 32.81
C PHE A 68 -11.83 6.66 32.12
N THR A 69 -13.11 6.81 32.44
CA THR A 69 -14.16 6.06 31.77
C THR A 69 -15.37 6.96 31.58
N ILE A 70 -15.90 6.97 30.37
CA ILE A 70 -17.03 7.81 30.00
C ILE A 70 -18.26 6.93 29.86
N SER A 71 -19.37 7.40 30.41
CA SER A 71 -20.62 6.64 30.38
C SER A 71 -21.78 7.61 30.33
N ARG A 72 -22.81 7.25 29.58
CA ARG A 72 -23.99 8.09 29.41
C ARG A 72 -25.21 7.37 29.97
N ASP A 73 -26.34 8.07 29.94
CA ASP A 73 -27.62 7.51 30.36
C ASP A 73 -28.69 8.19 29.50
N ASN A 74 -29.09 7.51 28.42
CA ASN A 74 -30.03 8.11 27.49
C ASN A 74 -31.36 8.45 28.19
N SER A 75 -31.72 7.71 29.23
CA SER A 75 -32.94 7.99 29.98
C SER A 75 -32.76 9.22 30.86
N LYS A 76 -31.82 9.16 31.80
CA LYS A 76 -31.47 10.28 32.66
C LYS A 76 -30.46 11.13 31.92
N ASN A 77 -30.92 12.20 31.28
CA ASN A 77 -30.07 12.92 30.33
C ASN A 77 -28.87 13.53 31.05
N THR A 78 -27.72 12.87 30.91
CA THR A 78 -26.49 13.27 31.57
C THR A 78 -25.37 12.38 31.07
N VAL A 79 -24.23 12.97 30.77
CA VAL A 79 -23.02 12.23 30.41
C VAL A 79 -22.05 12.28 31.58
N TYR A 80 -21.53 11.13 31.95
CA TYR A 80 -20.60 11.02 33.06
C TYR A 80 -19.18 10.83 32.56
N LEU A 81 -18.22 11.18 33.40
CA LEU A 81 -16.80 10.91 33.14
C LEU A 81 -16.17 10.58 34.49
N GLN A 82 -16.01 9.28 34.77
CA GLN A 82 -15.42 8.84 36.02
C GLN A 82 -13.91 8.92 35.91
N MET A 83 -13.32 9.89 36.60
CA MET A 83 -11.89 10.12 36.57
C MET A 83 -11.24 9.45 37.77
N ASN A 84 -10.24 8.61 37.52
CA ASN A 84 -9.53 7.89 38.57
C ASN A 84 -8.04 8.02 38.35
N SER A 85 -7.29 7.99 39.46
CA SER A 85 -5.84 8.13 39.43
C SER A 85 -5.44 9.44 38.76
N LEU A 86 -6.04 10.54 39.22
CA LEU A 86 -5.77 11.85 38.64
C LEU A 86 -4.31 12.24 38.86
N ASN A 87 -3.64 12.59 37.78
CA ASN A 87 -2.28 13.08 37.84
C ASN A 87 -2.26 14.59 37.84
N PRO A 88 -1.21 15.22 38.36
CA PRO A 88 -1.10 16.69 38.26
C PRO A 88 -1.17 17.20 36.83
N GLU A 89 -0.83 16.37 35.85
CA GLU A 89 -0.96 16.75 34.45
C GLU A 89 -2.42 16.83 34.00
N ASP A 90 -3.36 16.34 34.80
CA ASP A 90 -4.76 16.31 34.42
C ASP A 90 -5.47 17.63 34.68
N THR A 91 -4.86 18.54 35.44
CA THR A 91 -5.53 19.79 35.80
C THR A 91 -5.86 20.61 34.54
N ALA A 92 -7.12 21.00 34.43
CA ALA A 92 -7.62 21.80 33.31
C ALA A 92 -9.07 22.15 33.54
N VAL A 93 -9.66 22.91 32.63
CA VAL A 93 -11.10 23.14 32.61
C VAL A 93 -11.72 22.16 31.61
N TYR A 94 -12.55 21.26 32.11
CA TYR A 94 -13.10 20.18 31.31
C TYR A 94 -14.43 20.61 30.69
N TYR A 95 -14.51 20.54 29.38
CA TYR A 95 -15.72 20.90 28.65
C TYR A 95 -16.44 19.64 28.20
N CYS A 96 -17.76 19.67 28.25
CA CYS A 96 -18.55 18.61 27.67
C CYS A 96 -19.00 19.02 26.26
N ALA A 97 -18.81 18.12 25.31
CA ALA A 97 -19.13 18.42 23.93
C ALA A 97 -20.23 17.48 23.47
N ALA A 98 -20.93 17.88 22.41
CA ALA A 98 -22.09 17.15 21.93
C ALA A 98 -22.25 17.41 20.44
N ARG A 99 -22.19 16.34 19.65
CA ARG A 99 -22.43 16.43 18.21
C ARG A 99 -23.69 15.67 17.88
N LYS A 100 -24.56 16.29 17.08
CA LYS A 100 -25.80 15.63 16.68
C LYS A 100 -25.48 14.45 15.75
N ARG A 101 -26.50 13.62 15.53
CA ARG A 101 -26.27 12.35 14.86
C ARG A 101 -25.73 12.51 13.44
N TYR A 102 -26.03 13.63 12.78
CA TYR A 102 -25.59 13.84 11.42
C TYR A 102 -24.89 15.17 11.20
N HIS A 103 -24.82 16.04 12.20
CA HIS A 103 -24.08 17.28 12.07
C HIS A 103 -22.58 17.01 12.11
N TYR A 104 -21.80 18.07 11.92
CA TYR A 104 -20.35 17.95 11.91
C TYR A 104 -19.66 18.88 12.91
N TYR A 105 -20.42 19.70 13.64
CA TYR A 105 -19.85 20.60 14.64
C TYR A 105 -20.47 20.29 15.99
N SER A 106 -19.66 20.40 17.04
CA SER A 106 -20.05 19.98 18.37
C SER A 106 -20.32 21.20 19.24
N TYR A 107 -21.44 21.19 19.95
CA TYR A 107 -21.75 22.23 20.91
C TYR A 107 -20.94 22.03 22.18
N TRP A 108 -20.58 23.14 22.82
CA TRP A 108 -19.72 23.11 23.99
C TRP A 108 -20.42 23.71 25.19
N GLY A 109 -20.14 23.15 26.36
CA GLY A 109 -20.64 23.70 27.61
C GLY A 109 -19.71 24.75 28.17
N GLN A 110 -20.18 25.40 29.25
CA GLN A 110 -19.37 26.44 29.88
C GLN A 110 -18.10 25.88 30.50
N GLY A 111 -18.03 24.57 30.71
CA GLY A 111 -16.82 23.95 31.20
C GLY A 111 -16.65 24.09 32.70
N THR A 112 -16.26 23.01 33.36
CA THR A 112 -15.98 23.02 34.78
C THR A 112 -14.48 22.85 35.00
N GLN A 113 -13.94 23.56 35.98
CA GLN A 113 -12.51 23.58 36.21
C GLN A 113 -12.12 22.47 37.18
N VAL A 114 -11.09 21.72 36.83
CA VAL A 114 -10.59 20.62 37.65
C VAL A 114 -9.11 20.89 37.94
N THR A 115 -8.75 20.87 39.21
CA THR A 115 -7.37 21.08 39.64
C THR A 115 -7.02 20.03 40.69
N VAL A 116 -5.77 19.59 40.67
CA VAL A 116 -5.35 18.50 41.55
C VAL A 116 -3.98 18.77 42.18
N SER A 117 -3.98 19.20 43.44
CA SER A 117 -2.76 19.35 44.24
C SER A 117 -1.71 20.16 43.48
N SER A 118 -2.02 21.45 43.31
CA SER A 118 -1.31 22.34 42.41
C SER A 118 0.20 22.09 42.41
N LEU A 119 0.75 21.89 41.23
CA LEU A 119 2.10 21.32 41.07
C LEU A 119 3.12 22.44 40.91
N GLU A 120 3.88 22.68 41.97
CA GLU A 120 5.00 23.63 41.96
C GLU A 120 4.58 25.04 41.56
N HIS A 121 3.28 25.33 41.63
CA HIS A 121 2.73 26.64 41.31
C HIS A 121 3.20 27.17 39.95
N LEU B 16 -15.73 -13.50 -15.87
CA LEU B 16 -15.88 -13.98 -17.24
C LEU B 16 -15.12 -15.28 -17.46
N TRP B 17 -15.31 -15.85 -18.65
CA TRP B 17 -14.67 -17.10 -19.04
C TRP B 17 -14.67 -17.18 -20.56
N PRO B 18 -14.00 -16.25 -21.27
CA PRO B 18 -14.10 -16.16 -22.73
C PRO B 18 -13.10 -17.04 -23.47
N ILE B 19 -13.05 -18.31 -23.10
CA ILE B 19 -12.13 -19.27 -23.69
C ILE B 19 -12.91 -20.45 -24.23
N HIS B 20 -12.53 -20.92 -25.42
CA HIS B 20 -13.23 -22.02 -26.07
C HIS B 20 -13.03 -23.31 -25.28
N THR B 21 -13.71 -24.37 -25.76
CA THR B 21 -13.66 -25.65 -25.07
C THR B 21 -12.40 -26.44 -25.41
N HIS B 22 -11.85 -26.24 -26.61
CA HIS B 22 -10.67 -27.02 -27.01
C HIS B 22 -9.39 -26.45 -26.44
N GLU B 23 -9.34 -25.14 -26.19
CA GLU B 23 -8.17 -24.49 -25.61
C GLU B 23 -8.08 -24.68 -24.10
N LEU B 24 -9.04 -25.41 -23.52
CA LEU B 24 -9.07 -25.59 -22.07
C LEU B 24 -7.83 -26.33 -21.58
N LYS B 25 -7.44 -27.41 -22.26
CA LYS B 25 -6.29 -28.19 -21.84
C LYS B 25 -5.01 -27.36 -21.85
N LYS B 26 -4.98 -26.29 -22.64
CA LYS B 26 -3.80 -25.43 -22.70
C LYS B 26 -3.89 -24.28 -21.72
N VAL B 27 -5.08 -23.75 -21.47
CA VAL B 27 -5.18 -22.55 -20.65
C VAL B 27 -5.27 -22.87 -19.17
N LEU B 28 -5.84 -24.02 -18.78
CA LEU B 28 -5.94 -24.32 -17.36
C LEU B 28 -4.58 -24.44 -16.68
N PRO B 29 -3.58 -25.13 -17.25
CA PRO B 29 -2.25 -25.05 -16.64
C PRO B 29 -1.69 -23.65 -16.61
N MET B 30 -1.94 -22.85 -17.66
CA MET B 30 -1.48 -21.47 -17.66
C MET B 30 -2.18 -20.66 -16.58
N PHE B 31 -3.49 -20.83 -16.43
CA PHE B 31 -4.23 -20.11 -15.40
C PHE B 31 -3.77 -20.52 -14.01
N LEU B 32 -3.46 -21.81 -13.85
CA LEU B 32 -2.97 -22.28 -12.56
C LEU B 32 -1.59 -21.70 -12.25
N MET B 33 -0.70 -21.66 -13.25
CA MET B 33 0.60 -21.05 -13.08
C MET B 33 0.47 -19.59 -12.68
N PHE B 34 -0.41 -18.85 -13.36
CA PHE B 34 -0.57 -17.44 -13.06
C PHE B 34 -1.19 -17.24 -11.69
N PHE B 35 -2.17 -18.07 -11.32
CA PHE B 35 -2.77 -17.97 -10.01
C PHE B 35 -1.74 -18.20 -8.92
N CYS B 36 -0.91 -19.24 -9.08
CA CYS B 36 0.12 -19.50 -8.08
C CYS B 36 1.14 -18.37 -8.00
N ILE B 37 1.56 -17.84 -9.15
CA ILE B 37 2.57 -16.81 -9.15
C ILE B 37 2.04 -15.53 -8.51
N THR B 38 0.80 -15.15 -8.84
CA THR B 38 0.23 -13.94 -8.26
C THR B 38 -0.13 -14.12 -6.79
N PHE B 39 -0.55 -15.32 -6.40
CA PHE B 39 -0.79 -15.61 -4.99
C PHE B 39 0.49 -15.45 -4.19
N ASN B 40 1.58 -16.06 -4.67
CA ASN B 40 2.88 -15.88 -4.01
C ASN B 40 3.30 -14.41 -4.02
N TYR B 41 3.04 -13.71 -5.12
CA TYR B 41 3.46 -12.31 -5.20
C TYR B 41 2.75 -11.48 -4.15
N THR B 42 1.44 -11.67 -4.00
CA THR B 42 0.70 -10.91 -3.00
C THR B 42 1.13 -11.30 -1.59
N VAL B 43 1.29 -12.60 -1.34
CA VAL B 43 1.68 -13.05 -0.01
C VAL B 43 3.02 -12.47 0.39
N LEU B 44 4.00 -12.51 -0.53
CA LEU B 44 5.31 -12.00 -0.24
C LEU B 44 5.34 -10.47 -0.20
N ARG B 45 4.52 -9.82 -1.02
CA ARG B 45 4.45 -8.37 -1.01
C ARG B 45 3.92 -7.86 0.32
N ASP B 46 2.98 -8.60 0.93
CA ASP B 46 2.49 -8.19 2.23
C ASP B 46 3.44 -8.60 3.35
N THR B 47 4.04 -9.79 3.24
CA THR B 47 4.92 -10.28 4.29
C THR B 47 6.21 -9.47 4.36
N LYS B 48 6.71 -8.99 3.22
CA LYS B 48 7.94 -8.21 3.24
C LYS B 48 7.72 -6.87 3.93
N ASP B 49 6.57 -6.24 3.68
CA ASP B 49 6.26 -5.02 4.41
C ASP B 49 6.07 -5.30 5.88
N THR B 50 5.36 -6.39 6.22
CA THR B 50 5.22 -6.77 7.62
C THR B 50 6.58 -6.90 8.29
N LEU B 51 7.49 -7.63 7.66
CA LEU B 51 8.79 -7.91 8.27
C LEU B 51 9.63 -6.65 8.39
N ILE B 52 9.68 -5.83 7.35
CA ILE B 52 10.54 -4.65 7.36
C ILE B 52 9.98 -3.59 8.30
N VAL B 53 8.68 -3.32 8.22
CA VAL B 53 8.09 -2.25 9.02
C VAL B 53 8.00 -2.65 10.48
N GLY B 54 7.67 -3.91 10.75
CA GLY B 54 7.54 -4.33 12.13
C GLY B 54 8.81 -4.83 12.78
N ALA B 55 9.94 -4.73 12.12
CA ALA B 55 11.18 -5.25 12.68
C ALA B 55 11.65 -4.38 13.85
N PRO B 56 12.43 -4.95 14.76
CA PRO B 56 13.00 -4.13 15.84
C PRO B 56 13.98 -3.11 15.29
N GLY B 57 13.79 -1.85 15.71
CA GLY B 57 14.64 -0.78 15.26
C GLY B 57 14.48 -0.39 13.81
N SER B 58 13.42 -0.86 13.15
CA SER B 58 13.15 -0.55 11.76
C SER B 58 11.81 0.18 11.67
N GLY B 59 11.36 0.41 10.43
CA GLY B 59 10.10 1.08 10.22
C GLY B 59 9.86 1.27 8.74
N ALA B 60 8.89 2.13 8.43
CA ALA B 60 8.59 2.42 7.03
C ALA B 60 9.70 3.22 6.38
N GLU B 61 10.59 3.84 7.16
CA GLU B 61 11.69 4.59 6.57
C GLU B 61 12.71 3.70 5.87
N ALA B 62 12.76 2.41 6.22
CA ALA B 62 13.67 1.49 5.56
C ALA B 62 13.21 1.12 4.16
N ILE B 63 11.95 1.40 3.83
CA ILE B 63 11.42 0.96 2.54
C ILE B 63 12.04 1.72 1.37
N PRO B 64 12.12 3.06 1.36
CA PRO B 64 12.77 3.72 0.23
C PRO B 64 14.25 3.44 0.14
N PHE B 65 14.90 3.11 1.26
CA PHE B 65 16.31 2.76 1.20
C PHE B 65 16.51 1.38 0.61
N ILE B 66 15.68 0.41 1.00
CA ILE B 66 15.77 -0.92 0.40
C ILE B 66 15.47 -0.84 -1.08
N LYS B 67 14.29 -0.31 -1.43
CA LYS B 67 13.81 -0.31 -2.81
C LYS B 67 14.82 0.24 -3.81
N PHE B 68 15.81 0.99 -3.34
CA PHE B 68 16.82 1.56 -4.22
C PHE B 68 18.20 0.93 -4.01
N TRP B 69 18.71 0.90 -2.79
CA TRP B 69 20.08 0.43 -2.59
C TRP B 69 20.19 -1.08 -2.53
N LEU B 70 19.09 -1.82 -2.53
CA LEU B 70 19.17 -3.27 -2.53
C LEU B 70 18.36 -3.90 -3.66
N VAL B 71 17.21 -3.33 -4.00
CA VAL B 71 16.33 -4.00 -4.96
C VAL B 71 16.89 -3.88 -6.37
N VAL B 72 17.24 -2.67 -6.79
CA VAL B 72 17.66 -2.49 -8.18
C VAL B 72 19.08 -3.03 -8.43
N PRO B 73 20.04 -2.95 -7.49
CA PRO B 73 21.32 -3.61 -7.79
C PRO B 73 21.20 -5.13 -7.81
N CYS B 74 20.41 -5.70 -6.89
CA CYS B 74 20.13 -7.13 -6.99
C CYS B 74 19.32 -7.44 -8.23
N ALA B 75 18.49 -6.50 -8.69
CA ALA B 75 17.76 -6.71 -9.94
C ALA B 75 18.73 -6.82 -11.11
N ILE B 76 19.71 -5.92 -11.19
CA ILE B 76 20.67 -5.98 -12.28
C ILE B 76 21.53 -7.23 -12.16
N ILE B 77 21.92 -7.60 -10.94
CA ILE B 77 22.71 -8.81 -10.75
C ILE B 77 21.94 -10.03 -11.24
N PHE B 78 20.66 -10.12 -10.86
CA PHE B 78 19.86 -11.27 -11.26
C PHE B 78 19.62 -11.27 -12.76
N MET B 79 19.41 -10.09 -13.36
CA MET B 79 19.20 -10.04 -14.80
C MET B 79 20.46 -10.49 -15.54
N LEU B 80 21.64 -10.12 -15.04
CA LEU B 80 22.86 -10.59 -15.68
C LEU B 80 23.03 -12.09 -15.52
N ILE B 81 22.78 -12.61 -14.32
CA ILE B 81 22.90 -14.05 -14.10
C ILE B 81 21.92 -14.80 -14.98
N TYR B 82 20.70 -14.27 -15.13
CA TYR B 82 19.69 -14.91 -15.95
C TYR B 82 20.07 -14.86 -17.43
N ALA B 83 20.60 -13.72 -17.89
CA ALA B 83 20.99 -13.62 -19.28
C ALA B 83 22.13 -14.57 -19.62
N LYS B 84 23.07 -14.75 -18.70
CA LYS B 84 24.14 -15.69 -18.97
C LYS B 84 23.74 -17.13 -18.70
N LEU B 85 22.67 -17.36 -17.95
CA LEU B 85 22.18 -18.71 -17.68
C LEU B 85 21.27 -19.24 -18.78
N SER B 86 20.53 -18.35 -19.44
CA SER B 86 19.64 -18.79 -20.51
C SER B 86 20.39 -19.40 -21.68
N ASN B 87 21.67 -19.08 -21.83
CA ASN B 87 22.47 -19.60 -22.92
C ASN B 87 23.12 -20.94 -22.60
N ILE B 88 23.14 -21.34 -21.32
CA ILE B 88 23.71 -22.62 -20.94
C ILE B 88 22.64 -23.64 -20.56
N LEU B 89 21.46 -23.21 -20.12
CA LEU B 89 20.37 -24.10 -19.78
C LEU B 89 19.27 -24.00 -20.83
N SER B 90 18.47 -25.07 -20.92
CA SER B 90 17.31 -25.06 -21.80
C SER B 90 16.22 -24.18 -21.18
N LYS B 91 15.12 -24.01 -21.92
CA LYS B 91 14.05 -23.13 -21.45
C LYS B 91 13.43 -23.64 -20.17
N GLN B 92 13.00 -24.91 -20.15
CA GLN B 92 12.38 -25.46 -18.95
C GLN B 92 13.39 -25.60 -17.82
N ALA B 93 14.62 -26.00 -18.14
CA ALA B 93 15.65 -26.06 -17.11
C ALA B 93 15.94 -24.68 -16.55
N LEU B 94 15.87 -23.64 -17.41
CA LEU B 94 16.04 -22.28 -16.92
C LEU B 94 14.91 -21.88 -15.99
N PHE B 95 13.67 -22.21 -16.35
CA PHE B 95 12.54 -21.94 -15.49
C PHE B 95 12.71 -22.58 -14.13
N TYR B 96 13.12 -23.84 -14.10
CA TYR B 96 13.31 -24.53 -12.84
C TYR B 96 14.45 -23.92 -12.04
N ALA B 97 15.60 -23.67 -12.69
CA ALA B 97 16.75 -23.15 -11.98
C ALA B 97 16.54 -21.72 -11.48
N VAL B 98 15.56 -21.00 -12.05
CA VAL B 98 15.25 -19.68 -11.55
C VAL B 98 14.17 -19.73 -10.48
N GLY B 99 13.20 -20.65 -10.60
CA GLY B 99 12.10 -20.68 -9.67
C GLY B 99 12.38 -21.43 -8.37
N THR B 100 13.19 -22.48 -8.43
CA THR B 100 13.44 -23.29 -7.25
C THR B 100 14.27 -22.61 -6.17
N PRO B 101 15.23 -21.73 -6.50
CA PRO B 101 15.89 -20.99 -5.41
C PRO B 101 14.91 -20.16 -4.59
N PHE B 102 13.89 -19.60 -5.24
CA PHE B 102 12.86 -18.88 -4.51
C PHE B 102 12.17 -19.78 -3.48
N LEU B 103 11.76 -20.97 -3.90
CA LEU B 103 11.09 -21.88 -2.99
C LEU B 103 12.04 -22.37 -1.90
N ILE B 104 13.32 -22.54 -2.23
CA ILE B 104 14.29 -22.95 -1.22
C ILE B 104 14.43 -21.88 -0.16
N PHE B 105 14.49 -20.62 -0.58
CA PHE B 105 14.59 -19.53 0.39
C PHE B 105 13.33 -19.40 1.22
N PHE B 106 12.17 -19.54 0.60
CA PHE B 106 10.92 -19.39 1.34
C PHE B 106 10.62 -20.58 2.23
N ALA B 107 11.26 -21.72 1.98
CA ALA B 107 11.18 -22.83 2.93
C ALA B 107 12.20 -22.69 4.04
N LEU B 108 13.37 -22.11 3.75
CA LEU B 108 14.40 -21.95 4.76
C LEU B 108 14.16 -20.75 5.67
N PHE B 109 13.38 -19.78 5.23
CA PHE B 109 13.22 -18.56 6.02
C PHE B 109 12.53 -18.85 7.35
N PRO B 110 11.25 -19.25 7.36
CA PRO B 110 10.56 -19.38 8.65
C PRO B 110 11.07 -20.53 9.50
N THR B 111 11.83 -21.46 8.91
CA THR B 111 12.30 -22.63 9.64
C THR B 111 13.73 -22.49 10.13
N VAL B 112 14.58 -21.75 9.42
CA VAL B 112 15.99 -21.62 9.75
C VAL B 112 16.39 -20.17 9.95
N ILE B 113 15.97 -19.28 9.05
CA ILE B 113 16.52 -17.93 9.05
C ILE B 113 15.81 -17.04 10.06
N TYR B 114 14.49 -17.16 10.17
CA TYR B 114 13.76 -16.32 11.11
C TYR B 114 14.00 -16.73 12.56
N PRO B 115 14.05 -18.02 12.90
CA PRO B 115 14.41 -18.39 14.27
C PRO B 115 15.80 -17.90 14.68
N LEU B 116 16.72 -17.80 13.73
CA LEU B 116 18.06 -17.30 13.99
C LEU B 116 18.18 -15.81 13.79
N ARG B 117 17.07 -15.09 13.70
CA ARG B 117 17.12 -13.65 13.46
C ARG B 117 17.77 -12.90 14.61
N ASP B 118 17.81 -13.47 15.80
CA ASP B 118 18.51 -12.85 16.93
C ASP B 118 19.97 -13.25 16.99
N VAL B 119 20.46 -13.98 16.00
CA VAL B 119 21.86 -14.34 15.90
C VAL B 119 22.50 -13.74 14.64
N LEU B 120 21.78 -13.75 13.53
CA LEU B 120 22.32 -13.21 12.29
C LEU B 120 22.34 -11.68 12.31
N HIS B 121 21.30 -11.07 12.87
CA HIS B 121 21.20 -9.62 12.88
C HIS B 121 22.20 -9.02 13.86
N PRO B 122 23.08 -8.13 13.42
CA PRO B 122 24.02 -7.47 14.33
C PRO B 122 23.42 -6.22 15.00
N THR B 123 22.61 -6.46 16.03
CA THR B 123 21.93 -5.35 16.69
C THR B 123 22.92 -4.40 17.34
N GLU B 124 23.96 -4.94 17.97
CA GLU B 124 24.95 -4.10 18.63
C GLU B 124 25.68 -3.21 17.63
N PHE B 125 26.23 -3.81 16.57
CA PHE B 125 26.90 -3.00 15.56
C PHE B 125 25.93 -2.05 14.90
N ALA B 126 24.68 -2.46 14.73
CA ALA B 126 23.70 -1.61 14.07
C ALA B 126 23.42 -0.35 14.88
N ASP B 127 23.26 -0.48 16.20
CA ASP B 127 22.97 0.72 16.96
C ASP B 127 24.24 1.54 17.19
N ARG B 128 25.40 0.89 17.28
CA ARG B 128 26.65 1.65 17.34
C ARG B 128 26.86 2.46 16.06
N LEU B 129 26.36 1.96 14.93
CA LEU B 129 26.43 2.71 13.69
C LEU B 129 25.38 3.82 13.65
N GLN B 130 24.16 3.51 14.06
CA GLN B 130 23.09 4.50 14.07
C GLN B 130 23.43 5.68 14.97
N ALA B 131 24.20 5.45 16.03
CA ALA B 131 24.67 6.55 16.87
C ALA B 131 25.66 7.46 16.16
N ILE B 132 26.11 7.09 14.97
CA ILE B 132 27.06 7.89 14.21
C ILE B 132 26.39 8.57 13.02
N LEU B 133 25.55 7.83 12.30
CA LEU B 133 24.89 8.38 11.12
C LEU B 133 23.82 9.39 11.54
N PRO B 134 23.44 10.28 10.63
CA PRO B 134 22.37 11.24 10.92
C PRO B 134 21.06 10.51 11.13
N PRO B 135 20.14 11.11 11.89
CA PRO B 135 18.87 10.42 12.19
C PRO B 135 18.05 10.07 10.97
N GLY B 136 18.38 10.63 9.81
CA GLY B 136 17.67 10.26 8.59
C GLY B 136 18.07 8.92 8.05
N LEU B 137 19.30 8.49 8.34
CA LEU B 137 19.79 7.18 7.92
C LEU B 137 19.38 6.08 8.89
N LEU B 138 18.36 6.32 9.70
CA LEU B 138 17.78 5.24 10.50
C LEU B 138 17.23 4.15 9.59
N GLY B 139 16.61 4.54 8.48
CA GLY B 139 16.15 3.56 7.51
C GLY B 139 17.26 2.84 6.78
N LEU B 140 18.46 3.40 6.78
CA LEU B 140 19.60 2.73 6.15
C LEU B 140 20.27 1.78 7.13
N VAL B 141 20.34 2.14 8.40
CA VAL B 141 20.89 1.23 9.40
C VAL B 141 19.88 0.16 9.79
N ALA B 142 18.59 0.36 9.49
CA ALA B 142 17.61 -0.69 9.69
C ALA B 142 17.76 -1.81 8.68
N ILE B 143 18.40 -1.54 7.55
CA ILE B 143 18.72 -2.61 6.60
C ILE B 143 19.81 -3.50 7.15
N LEU B 144 20.86 -2.89 7.72
CA LEU B 144 21.95 -3.67 8.29
C LEU B 144 21.53 -4.32 9.59
N ARG B 145 20.56 -3.74 10.30
CA ARG B 145 20.07 -4.33 11.54
C ARG B 145 19.17 -5.53 11.28
N ASN B 146 18.53 -5.59 10.12
CA ASN B 146 17.57 -6.63 9.77
C ASN B 146 17.88 -7.17 8.38
N TRP B 147 19.14 -7.52 8.14
CA TRP B 147 19.58 -7.85 6.80
C TRP B 147 18.93 -9.11 6.26
N THR B 148 18.48 -10.01 7.13
CA THR B 148 17.72 -11.16 6.62
C THR B 148 16.32 -10.74 6.20
N PHE B 149 15.72 -9.79 6.93
CA PHE B 149 14.45 -9.24 6.49
C PHE B 149 14.64 -8.43 5.21
N ALA B 150 15.81 -7.81 5.06
CA ALA B 150 16.10 -7.09 3.82
C ALA B 150 16.27 -8.07 2.66
N ALA B 151 16.88 -9.22 2.91
CA ALA B 151 16.98 -10.25 1.88
C ALA B 151 15.60 -10.78 1.52
N PHE B 152 14.72 -10.92 2.51
CA PHE B 152 13.35 -11.31 2.22
C PHE B 152 12.66 -10.26 1.35
N TYR B 153 12.85 -8.98 1.66
CA TYR B 153 12.26 -7.93 0.84
C TYR B 153 12.79 -7.98 -0.58
N VAL B 154 14.11 -8.14 -0.73
CA VAL B 154 14.73 -8.20 -2.04
C VAL B 154 14.19 -9.38 -2.83
N LEU B 155 14.07 -10.54 -2.18
CA LEU B 155 13.64 -11.74 -2.90
C LEU B 155 12.14 -11.72 -3.18
N ALA B 156 11.36 -11.02 -2.38
CA ALA B 156 9.95 -10.82 -2.73
C ALA B 156 9.81 -9.90 -3.92
N GLU B 157 10.55 -8.79 -3.93
CA GLU B 157 10.58 -7.92 -5.10
C GLU B 157 11.06 -8.67 -6.33
N LEU B 158 12.04 -9.56 -6.16
CA LEU B 158 12.55 -10.32 -7.29
C LEU B 158 11.58 -11.39 -7.74
N TRP B 159 10.80 -11.96 -6.82
CA TRP B 159 9.69 -12.82 -7.25
C TRP B 159 8.76 -12.02 -8.14
N GLY B 160 8.25 -10.90 -7.62
CA GLY B 160 7.35 -10.07 -8.39
C GLY B 160 7.88 -9.66 -9.75
N SER B 161 9.18 -9.37 -9.83
CA SER B 161 9.77 -8.99 -11.11
C SER B 161 9.99 -10.21 -11.99
N VAL B 162 10.89 -11.11 -11.58
CA VAL B 162 11.29 -12.24 -12.39
C VAL B 162 10.10 -13.16 -12.63
N MET B 163 9.62 -13.82 -11.57
CA MET B 163 8.71 -14.94 -11.76
C MET B 163 7.39 -14.52 -12.36
N LEU B 164 7.02 -13.24 -12.23
CA LEU B 164 5.76 -12.76 -12.77
C LEU B 164 5.93 -12.08 -14.11
N SER B 165 6.75 -11.02 -14.19
CA SER B 165 6.86 -10.26 -15.42
C SER B 165 7.79 -10.92 -16.43
N LEU B 166 8.92 -11.46 -15.98
CA LEU B 166 9.88 -12.01 -16.93
C LEU B 166 9.54 -13.47 -17.25
N MET B 167 9.59 -14.35 -16.25
CA MET B 167 9.44 -15.77 -16.47
C MET B 167 8.07 -16.13 -17.05
N PHE B 168 7.01 -15.86 -16.29
CA PHE B 168 5.69 -16.30 -16.72
C PHE B 168 5.26 -15.60 -18.00
N TRP B 169 5.57 -14.32 -18.14
CA TRP B 169 5.09 -13.62 -19.32
C TRP B 169 5.90 -13.96 -20.56
N GLY B 170 7.19 -14.25 -20.43
CA GLY B 170 7.92 -14.81 -21.55
C GLY B 170 7.37 -16.16 -21.94
N PHE B 171 7.08 -17.01 -20.96
CA PHE B 171 6.46 -18.31 -21.24
C PHE B 171 5.15 -18.13 -21.98
N ALA B 172 4.30 -17.22 -21.51
CA ALA B 172 3.00 -17.02 -22.14
C ALA B 172 3.15 -16.49 -23.56
N ASN B 173 3.87 -15.38 -23.72
CA ASN B 173 4.04 -14.79 -25.04
C ASN B 173 4.72 -15.75 -26.00
N GLU B 174 5.50 -16.71 -25.48
CA GLU B 174 6.10 -17.70 -26.35
C GLU B 174 5.10 -18.77 -26.77
N ILE B 175 4.28 -19.25 -25.84
CA ILE B 175 3.40 -20.38 -26.13
C ILE B 175 1.99 -19.98 -26.52
N THR B 176 1.58 -18.74 -26.29
CA THR B 176 0.24 -18.34 -26.66
C THR B 176 0.20 -17.97 -28.14
N LYS B 177 -0.97 -18.16 -28.74
CA LYS B 177 -1.20 -17.76 -30.12
C LYS B 177 -1.82 -16.37 -30.16
N ILE B 178 -1.56 -15.64 -31.25
CA ILE B 178 -2.06 -14.27 -31.36
C ILE B 178 -3.58 -14.26 -31.36
N HIS B 179 -4.20 -15.27 -31.98
CA HIS B 179 -5.65 -15.34 -31.98
C HIS B 179 -6.21 -15.76 -30.63
N GLU B 180 -5.36 -16.23 -29.71
CA GLU B 180 -5.77 -16.52 -28.34
C GLU B 180 -5.38 -15.44 -27.35
N ALA B 181 -4.35 -14.65 -27.69
CA ALA B 181 -3.67 -13.81 -26.70
C ALA B 181 -4.62 -12.89 -25.96
N LYS B 182 -5.55 -12.25 -26.67
CA LYS B 182 -6.42 -11.28 -26.02
C LYS B 182 -7.30 -11.94 -24.96
N ARG B 183 -7.96 -13.03 -25.33
CA ARG B 183 -8.84 -13.72 -24.39
C ARG B 183 -8.05 -14.32 -23.24
N PHE B 184 -6.88 -14.90 -23.54
CA PHE B 184 -6.06 -15.49 -22.49
C PHE B 184 -5.58 -14.44 -21.50
N TYR B 185 -5.21 -13.26 -22.01
CA TYR B 185 -4.72 -12.21 -21.14
C TYR B 185 -5.85 -11.58 -20.33
N ALA B 186 -7.06 -11.52 -20.91
CA ALA B 186 -8.20 -11.06 -20.11
C ALA B 186 -8.51 -12.06 -18.99
N LEU B 187 -8.46 -13.36 -19.29
CA LEU B 187 -8.67 -14.36 -18.27
C LEU B 187 -7.60 -14.27 -17.19
N PHE B 188 -6.35 -14.01 -17.59
CA PHE B 188 -5.30 -13.82 -16.60
C PHE B 188 -5.53 -12.57 -15.78
N GLY B 189 -6.05 -11.51 -16.40
CA GLY B 189 -6.34 -10.31 -15.65
C GLY B 189 -7.40 -10.53 -14.59
N ILE B 190 -8.41 -11.33 -14.91
CA ILE B 190 -9.43 -11.61 -13.89
C ILE B 190 -8.91 -12.61 -12.86
N GLY B 191 -8.00 -13.50 -13.27
CA GLY B 191 -7.41 -14.43 -12.34
C GLY B 191 -6.46 -13.75 -11.37
N ALA B 192 -5.86 -12.65 -11.78
CA ALA B 192 -5.03 -11.89 -10.86
C ALA B 192 -5.86 -11.30 -9.74
N ASN B 193 -7.08 -10.85 -10.04
CA ASN B 193 -7.95 -10.33 -9.01
C ASN B 193 -8.50 -11.46 -8.13
N ILE B 194 -8.82 -12.60 -8.74
CA ILE B 194 -9.24 -13.75 -7.95
C ILE B 194 -8.12 -14.18 -7.00
N SER B 195 -6.87 -14.12 -7.47
CA SER B 195 -5.75 -14.47 -6.62
C SER B 195 -5.48 -13.40 -5.57
N LEU B 196 -5.81 -12.15 -5.86
CA LEU B 196 -5.79 -11.14 -4.81
C LEU B 196 -6.78 -11.48 -3.71
N LEU B 197 -7.99 -11.87 -4.10
CA LEU B 197 -8.97 -12.31 -3.11
C LEU B 197 -8.45 -13.48 -2.28
N ALA B 198 -7.93 -14.50 -2.96
CA ALA B 198 -7.49 -15.70 -2.27
C ALA B 198 -6.29 -15.44 -1.36
N SER B 199 -5.32 -14.68 -1.85
CA SER B 199 -4.15 -14.36 -1.04
C SER B 199 -4.51 -13.47 0.12
N GLY B 200 -5.47 -12.56 -0.07
CA GLY B 200 -5.92 -11.75 1.04
C GLY B 200 -6.58 -12.57 2.13
N ARG B 201 -7.50 -13.45 1.73
CA ARG B 201 -8.14 -14.33 2.72
C ARG B 201 -7.10 -15.23 3.40
N ALA B 202 -6.12 -15.70 2.65
CA ALA B 202 -5.13 -16.61 3.22
C ALA B 202 -4.23 -15.88 4.20
N ILE B 203 -3.84 -14.65 3.88
CA ILE B 203 -3.01 -13.87 4.81
C ILE B 203 -3.81 -13.52 6.04
N VAL B 204 -5.09 -13.17 5.87
CA VAL B 204 -5.95 -12.87 7.02
C VAL B 204 -6.06 -14.09 7.92
N TRP B 205 -6.23 -15.27 7.34
CA TRP B 205 -6.34 -16.49 8.13
C TRP B 205 -5.03 -16.81 8.85
N ALA B 206 -3.92 -16.78 8.11
CA ALA B 206 -2.62 -17.09 8.71
C ALA B 206 -2.25 -16.08 9.78
N SER B 207 -2.80 -14.87 9.73
CA SER B 207 -2.50 -13.88 10.75
C SER B 207 -3.43 -14.01 11.95
N LYS B 208 -4.72 -14.16 11.72
CA LYS B 208 -5.70 -14.39 12.78
C LYS B 208 -5.58 -15.77 13.40
N LEU B 209 -4.64 -16.59 12.94
CA LEU B 209 -4.38 -17.87 13.59
C LEU B 209 -3.41 -17.70 14.74
N ARG B 210 -3.51 -16.55 15.41
CA ARG B 210 -2.73 -16.24 16.60
C ARG B 210 -3.22 -17.13 17.73
N ALA B 211 -2.88 -18.41 17.63
CA ALA B 211 -3.34 -19.48 18.50
C ALA B 211 -2.19 -19.98 19.36
N SER B 212 -2.43 -21.10 20.05
CA SER B 212 -1.48 -21.68 21.00
C SER B 212 -1.18 -20.67 22.12
N VAL B 213 -2.23 -20.41 22.89
CA VAL B 213 -2.25 -19.40 23.95
C VAL B 213 -1.08 -19.59 24.91
N SER B 214 -0.52 -20.80 24.96
CA SER B 214 0.68 -21.03 25.75
C SER B 214 1.81 -20.12 25.26
N GLU B 215 2.26 -19.24 26.14
CA GLU B 215 3.24 -18.23 25.77
C GLU B 215 4.63 -18.85 25.66
N GLY B 216 5.62 -18.00 25.37
CA GLY B 216 6.96 -18.42 25.09
C GLY B 216 7.24 -18.71 23.62
N VAL B 217 6.21 -18.83 22.80
CA VAL B 217 6.36 -19.03 21.37
C VAL B 217 6.11 -17.71 20.66
N ASP B 218 6.69 -17.56 19.49
CA ASP B 218 6.52 -16.34 18.70
C ASP B 218 5.16 -16.37 18.01
N PRO B 219 4.24 -15.46 18.34
CA PRO B 219 2.95 -15.45 17.64
C PRO B 219 3.09 -15.19 16.15
N TRP B 220 4.08 -14.40 15.74
CA TRP B 220 4.33 -14.17 14.32
C TRP B 220 5.13 -15.30 13.69
N GLY B 221 5.85 -16.09 14.49
CA GLY B 221 6.54 -17.24 13.93
C GLY B 221 5.60 -18.24 13.29
N ILE B 222 4.47 -18.52 13.97
CA ILE B 222 3.49 -19.47 13.43
C ILE B 222 2.84 -18.90 12.18
N SER B 223 2.50 -17.61 12.20
CA SER B 223 1.90 -16.98 11.03
C SER B 223 2.86 -16.99 9.85
N LEU B 224 4.15 -16.76 10.11
CA LEU B 224 5.14 -16.78 9.04
C LEU B 224 5.33 -18.19 8.50
N ARG B 225 5.33 -19.18 9.38
CA ARG B 225 5.41 -20.56 8.91
C ARG B 225 4.23 -20.91 8.02
N LEU B 226 3.02 -20.49 8.41
CA LEU B 226 1.84 -20.76 7.59
C LEU B 226 1.91 -20.04 6.25
N LEU B 227 2.28 -18.76 6.27
CA LEU B 227 2.36 -18.00 5.03
C LEU B 227 3.39 -18.60 4.08
N MET B 228 4.58 -18.91 4.59
CA MET B 228 5.61 -19.48 3.73
C MET B 228 5.28 -20.91 3.32
N ALA B 229 4.48 -21.63 4.12
CA ALA B 229 4.04 -22.96 3.70
C ALA B 229 3.06 -22.86 2.55
N MET B 230 2.12 -21.91 2.62
CA MET B 230 1.24 -21.68 1.49
C MET B 230 2.02 -21.24 0.26
N THR B 231 3.05 -20.41 0.46
CA THR B 231 3.91 -20.01 -0.65
C THR B 231 4.62 -21.21 -1.27
N ILE B 232 5.10 -22.14 -0.44
CA ILE B 232 5.82 -23.31 -0.96
C ILE B 232 4.85 -24.22 -1.70
N VAL B 233 3.65 -24.44 -1.16
CA VAL B 233 2.68 -25.27 -1.85
C VAL B 233 2.28 -24.63 -3.17
N SER B 234 2.15 -23.30 -3.19
CA SER B 234 1.79 -22.61 -4.43
C SER B 234 2.90 -22.69 -5.45
N GLY B 235 4.16 -22.55 -5.01
CA GLY B 235 5.27 -22.69 -5.94
C GLY B 235 5.42 -24.10 -6.46
N LEU B 236 5.12 -25.10 -5.63
CA LEU B 236 5.17 -26.48 -6.09
C LEU B 236 4.07 -26.74 -7.10
N VAL B 237 2.88 -26.20 -6.88
CA VAL B 237 1.81 -26.33 -7.87
C VAL B 237 2.18 -25.60 -9.15
N LEU B 238 2.87 -24.47 -9.03
CA LEU B 238 3.37 -23.76 -10.20
C LEU B 238 4.34 -24.62 -11.01
N MET B 239 5.32 -25.20 -10.33
CA MET B 239 6.30 -26.05 -11.02
C MET B 239 5.62 -27.28 -11.62
N ALA B 240 4.65 -27.85 -10.92
CA ALA B 240 3.97 -29.03 -11.44
C ALA B 240 3.13 -28.69 -12.65
N SER B 241 2.47 -27.54 -12.65
CA SER B 241 1.67 -27.14 -13.81
C SER B 241 2.57 -26.79 -14.99
N TYR B 242 3.75 -26.21 -14.71
CA TYR B 242 4.70 -25.96 -15.79
C TYR B 242 5.19 -27.27 -16.40
N TRP B 243 5.54 -28.24 -15.56
CA TRP B 243 5.95 -29.55 -16.08
C TRP B 243 4.83 -30.20 -16.88
N TRP B 244 3.59 -30.08 -16.40
CA TRP B 244 2.47 -30.71 -17.10
C TRP B 244 2.20 -30.04 -18.44
N ILE B 245 2.29 -28.71 -18.49
CA ILE B 245 2.03 -28.02 -19.75
C ILE B 245 3.20 -28.20 -20.70
N ASN B 246 4.38 -28.55 -20.20
CA ASN B 246 5.48 -28.86 -21.10
C ASN B 246 5.39 -30.27 -21.65
N LYS B 247 4.97 -31.22 -20.82
CA LYS B 247 4.96 -32.62 -21.24
C LYS B 247 3.69 -33.01 -21.97
N ASN B 248 2.57 -32.31 -21.75
CA ASN B 248 1.30 -32.70 -22.33
C ASN B 248 0.71 -31.67 -23.29
N VAL B 249 1.16 -30.43 -23.29
CA VAL B 249 0.62 -29.38 -24.12
C VAL B 249 1.64 -28.87 -25.14
N LEU B 250 2.79 -28.41 -24.66
CA LEU B 250 3.80 -27.84 -25.55
C LEU B 250 4.43 -28.87 -26.47
N THR B 251 4.15 -30.16 -26.28
CA THR B 251 4.59 -31.18 -27.20
C THR B 251 3.48 -31.66 -28.12
N ASP B 252 2.26 -31.23 -27.89
CA ASP B 252 1.14 -31.59 -28.75
C ASP B 252 1.13 -30.67 -29.97
N PRO B 253 1.16 -31.21 -31.20
CA PRO B 253 1.13 -30.34 -32.39
C PRO B 253 -0.18 -29.60 -32.59
N ARG B 254 -1.14 -29.73 -31.68
CA ARG B 254 -2.43 -29.05 -31.82
C ARG B 254 -2.46 -27.73 -31.06
N PHE B 255 -1.80 -27.66 -29.90
CA PHE B 255 -1.81 -26.44 -29.09
C PHE B 255 -0.63 -25.52 -29.41
N TYR B 256 0.56 -26.07 -29.54
CA TYR B 256 1.78 -25.29 -29.68
C TYR B 256 2.70 -25.93 -30.70
N ASN B 257 3.37 -25.09 -31.48
CA ASN B 257 4.35 -25.51 -32.46
C ASN B 257 5.36 -24.39 -32.63
N PRO B 258 6.65 -24.64 -32.41
CA PRO B 258 7.64 -23.56 -32.49
C PRO B 258 7.79 -22.94 -33.88
N GLU B 259 6.98 -23.33 -34.85
CA GLU B 259 7.00 -22.75 -36.19
C GLU B 259 6.20 -21.45 -36.27
N GLU B 260 5.73 -20.92 -35.15
CA GLU B 260 4.82 -19.79 -35.15
C GLU B 260 5.47 -18.49 -34.69
N MET B 261 6.07 -18.47 -33.50
CA MET B 261 6.67 -17.26 -32.97
C MET B 261 8.04 -16.97 -33.60
N GLN B 262 8.57 -17.88 -34.39
CA GLN B 262 9.81 -17.61 -35.12
C GLN B 262 9.62 -16.43 -36.06
N LYS B 263 8.42 -16.28 -36.63
CA LYS B 263 8.14 -15.15 -37.50
C LYS B 263 8.39 -13.82 -36.79
N GLY B 264 7.90 -13.68 -35.57
CA GLY B 264 8.11 -12.44 -34.83
C GLY B 264 9.48 -12.35 -34.20
N LYS B 265 10.11 -13.49 -33.93
CA LYS B 265 11.44 -13.47 -33.32
C LYS B 265 12.55 -13.28 -34.35
N LYS B 266 12.24 -13.34 -35.65
CA LYS B 266 13.21 -12.93 -36.66
C LYS B 266 13.79 -11.57 -36.33
N GLY B 267 12.93 -10.60 -36.05
CA GLY B 267 13.35 -9.32 -35.50
C GLY B 267 13.42 -9.37 -33.99
N ALA B 268 14.45 -10.03 -33.46
CA ALA B 268 14.58 -10.19 -32.02
C ALA B 268 14.60 -8.84 -31.31
N LYS B 269 13.99 -8.81 -30.12
CA LYS B 269 13.74 -7.60 -29.33
C LYS B 269 14.98 -6.75 -29.14
N PRO B 270 15.06 -5.58 -29.79
CA PRO B 270 16.18 -4.65 -29.59
C PRO B 270 15.95 -3.68 -28.44
N LYS B 271 16.20 -4.15 -27.22
CA LYS B 271 15.99 -3.32 -26.04
C LYS B 271 17.05 -2.22 -25.97
N MET B 272 16.59 -0.97 -26.02
CA MET B 272 17.48 0.17 -25.91
C MET B 272 18.00 0.29 -24.48
N ASN B 273 19.27 0.66 -24.33
CA ASN B 273 19.90 0.56 -23.01
C ASN B 273 19.28 1.49 -21.98
N MET B 274 19.63 2.77 -21.98
CA MET B 274 18.88 3.78 -21.25
C MET B 274 18.75 5.10 -22.01
N LYS B 275 19.83 5.53 -22.67
CA LYS B 275 19.93 6.92 -23.09
C LYS B 275 19.73 7.13 -24.58
N ASP B 276 19.97 6.10 -25.40
CA ASP B 276 19.44 6.12 -26.75
C ASP B 276 17.92 6.29 -26.74
N SER B 277 17.27 5.98 -25.61
CA SER B 277 15.87 6.32 -25.39
C SER B 277 15.69 7.59 -24.56
N PHE B 278 16.64 7.94 -23.69
CA PHE B 278 16.55 9.22 -23.00
C PHE B 278 16.54 10.38 -23.98
N LEU B 279 17.17 10.20 -25.14
CA LEU B 279 17.11 11.22 -26.19
C LEU B 279 15.82 11.11 -27.01
N TYR B 280 15.29 9.89 -27.16
CA TYR B 280 14.00 9.74 -27.82
C TYR B 280 12.89 10.38 -27.00
N LEU B 281 13.05 10.42 -25.68
CA LEU B 281 12.15 11.20 -24.85
C LEU B 281 12.31 12.69 -25.08
N ALA B 282 13.34 13.11 -25.82
CA ALA B 282 13.53 14.51 -26.18
C ALA B 282 13.32 14.77 -27.66
N ARG B 283 13.04 13.74 -28.45
CA ARG B 283 12.77 13.94 -29.88
C ARG B 283 11.61 14.91 -30.10
N SER B 284 10.45 14.63 -29.52
CA SER B 284 9.20 15.31 -29.82
C SER B 284 8.36 15.39 -28.56
N PRO B 285 7.57 16.44 -28.39
CA PRO B 285 6.82 16.61 -27.14
C PRO B 285 5.81 15.51 -26.84
N TYR B 286 5.39 14.73 -27.83
CA TYR B 286 4.40 13.68 -27.59
C TYR B 286 4.94 12.63 -26.63
N ILE B 287 6.02 11.95 -27.03
CA ILE B 287 6.61 10.92 -26.20
C ILE B 287 7.15 11.52 -24.91
N LEU B 288 7.59 12.78 -24.97
CA LEU B 288 8.05 13.46 -23.76
C LEU B 288 6.94 13.58 -22.73
N LEU B 289 5.78 14.09 -23.14
CA LEU B 289 4.67 14.24 -22.21
C LEU B 289 4.17 12.88 -21.73
N LEU B 290 4.19 11.87 -22.60
CA LEU B 290 3.74 10.55 -22.14
C LEU B 290 4.70 9.99 -21.10
N ALA B 291 6.01 10.18 -21.30
CA ALA B 291 6.97 9.80 -20.28
C ALA B 291 6.75 10.59 -18.99
N LEU B 292 6.38 11.87 -19.13
CA LEU B 292 6.08 12.67 -17.95
C LEU B 292 4.91 12.09 -17.18
N LEU B 293 3.86 11.67 -17.89
CA LEU B 293 2.72 11.03 -17.24
C LEU B 293 3.15 9.77 -16.49
N VAL B 294 3.92 8.91 -17.16
CA VAL B 294 4.31 7.64 -16.53
C VAL B 294 5.19 7.88 -15.32
N ILE B 295 6.17 8.79 -15.44
CA ILE B 295 7.07 9.10 -14.35
C ILE B 295 6.31 9.72 -13.18
N ALA B 296 5.38 10.63 -13.49
CA ALA B 296 4.60 11.27 -12.43
C ALA B 296 3.75 10.25 -11.69
N TYR B 297 3.15 9.30 -12.42
CA TYR B 297 2.41 8.24 -11.75
C TYR B 297 3.32 7.42 -10.85
N GLY B 298 4.47 7.00 -11.38
CA GLY B 298 5.38 6.18 -10.61
C GLY B 298 5.86 6.86 -9.35
N ILE B 299 6.05 8.17 -9.41
CA ILE B 299 6.53 8.89 -8.22
C ILE B 299 5.39 9.15 -7.25
N CYS B 300 4.20 9.49 -7.76
CA CYS B 300 3.08 9.81 -6.88
C CYS B 300 2.60 8.58 -6.12
N ILE B 301 2.62 7.41 -6.75
CA ILE B 301 2.19 6.21 -6.05
C ILE B 301 3.16 5.86 -4.93
N ASN B 302 4.45 6.15 -5.11
CA ASN B 302 5.44 5.79 -4.11
C ASN B 302 5.53 6.84 -3.00
N LEU B 303 5.25 8.11 -3.30
CA LEU B 303 5.41 9.16 -2.29
C LEU B 303 4.51 8.93 -1.09
N ILE B 304 3.30 8.42 -1.32
CA ILE B 304 2.33 8.28 -0.24
C ILE B 304 2.50 6.95 0.51
N GLU B 305 3.10 5.95 -0.12
CA GLU B 305 3.11 4.62 0.45
C GLU B 305 3.97 4.54 1.71
N VAL B 306 5.10 5.24 1.74
CA VAL B 306 5.98 5.15 2.90
C VAL B 306 5.32 5.81 4.12
N THR B 307 4.68 6.96 3.90
CA THR B 307 3.98 7.61 5.01
C THR B 307 2.78 6.78 5.45
N TRP B 308 2.07 6.17 4.50
CA TRP B 308 0.95 5.31 4.85
C TRP B 308 1.41 4.11 5.65
N LYS B 309 2.55 3.53 5.30
CA LYS B 309 3.04 2.37 6.04
C LYS B 309 3.59 2.78 7.39
N SER B 310 4.08 4.01 7.53
CA SER B 310 4.40 4.52 8.86
C SER B 310 3.13 4.62 9.71
N GLN B 311 2.04 5.11 9.11
CA GLN B 311 0.78 5.16 9.84
C GLN B 311 0.29 3.77 10.20
N LEU B 312 0.55 2.79 9.34
CA LEU B 312 0.20 1.41 9.66
C LEU B 312 1.02 0.88 10.82
N LYS B 313 2.33 1.13 10.83
CA LYS B 313 3.14 0.71 11.96
C LYS B 313 2.67 1.38 13.24
N LEU B 314 2.16 2.60 13.13
CA LEU B 314 1.63 3.28 14.32
C LEU B 314 0.34 2.62 14.78
N GLN B 315 -0.55 2.31 13.85
CA GLN B 315 -1.85 1.75 14.22
C GLN B 315 -1.75 0.27 14.57
N TYR B 316 -0.93 -0.49 13.84
CA TYR B 316 -0.77 -1.92 14.06
C TYR B 316 0.67 -2.20 14.47
N PRO B 317 0.99 -2.14 15.76
CA PRO B 317 2.40 -2.26 16.18
C PRO B 317 3.00 -3.63 15.92
N ASN B 318 2.32 -4.69 16.31
CA ASN B 318 2.87 -6.03 16.19
C ASN B 318 2.71 -6.55 14.77
N MET B 319 3.50 -7.58 14.44
CA MET B 319 3.54 -8.08 13.08
C MET B 319 2.26 -8.80 12.70
N ASN B 320 1.57 -9.40 13.67
CA ASN B 320 0.37 -10.17 13.33
C ASN B 320 -0.76 -9.27 12.87
N ASP B 321 -1.01 -8.17 13.60
CA ASP B 321 -2.06 -7.26 13.18
C ASP B 321 -1.68 -6.51 11.92
N TYR B 322 -0.39 -6.19 11.74
CA TYR B 322 0.05 -5.57 10.49
C TYR B 322 -0.21 -6.50 9.32
N SER B 323 0.16 -7.77 9.45
CA SER B 323 -0.04 -8.72 8.36
C SER B 323 -1.53 -8.97 8.13
N GLU B 324 -2.33 -8.96 9.19
CA GLU B 324 -3.77 -9.14 9.02
C GLU B 324 -4.38 -7.96 8.29
N PHE B 325 -3.93 -6.74 8.60
CA PHE B 325 -4.41 -5.59 7.85
C PHE B 325 -3.96 -5.65 6.40
N MET B 326 -2.73 -6.11 6.15
CA MET B 326 -2.27 -6.22 4.77
C MET B 326 -3.06 -7.28 4.02
N GLY B 327 -3.47 -8.34 4.71
CA GLY B 327 -4.31 -9.34 4.09
C GLY B 327 -5.70 -8.81 3.75
N ASN B 328 -6.30 -8.08 4.69
CA ASN B 328 -7.60 -7.47 4.41
C ASN B 328 -7.47 -6.44 3.29
N PHE B 329 -6.36 -5.70 3.26
CA PHE B 329 -6.13 -4.71 2.22
C PHE B 329 -5.98 -5.38 0.86
N SER B 330 -5.30 -6.53 0.81
CA SER B 330 -5.20 -7.27 -0.44
C SER B 330 -6.56 -7.81 -0.86
N PHE B 331 -7.33 -8.32 0.09
CA PHE B 331 -8.67 -8.83 -0.23
C PHE B 331 -9.54 -7.73 -0.82
N TRP B 332 -9.51 -6.54 -0.22
CA TRP B 332 -10.38 -5.48 -0.70
C TRP B 332 -9.85 -4.83 -1.96
N THR B 333 -8.53 -4.84 -2.16
CA THR B 333 -7.98 -4.48 -3.46
C THR B 333 -8.52 -5.43 -4.53
N GLY B 334 -8.58 -6.72 -4.22
CA GLY B 334 -9.15 -7.66 -5.17
C GLY B 334 -10.63 -7.42 -5.42
N VAL B 335 -11.38 -7.12 -4.36
CA VAL B 335 -12.81 -6.86 -4.52
C VAL B 335 -13.04 -5.65 -5.42
N VAL B 336 -12.33 -4.55 -5.14
CA VAL B 336 -12.50 -3.34 -5.93
C VAL B 336 -12.00 -3.56 -7.35
N SER B 337 -10.95 -4.38 -7.53
CA SER B 337 -10.47 -4.67 -8.87
C SER B 337 -11.49 -5.46 -9.67
N VAL B 338 -12.14 -6.44 -9.03
CA VAL B 338 -13.20 -7.18 -9.72
C VAL B 338 -14.34 -6.25 -10.09
N LEU B 339 -14.76 -5.39 -9.15
CA LEU B 339 -15.83 -4.46 -9.43
C LEU B 339 -15.48 -3.55 -10.60
N ILE B 340 -14.23 -3.09 -10.66
CA ILE B 340 -13.81 -2.22 -11.75
C ILE B 340 -13.81 -2.98 -13.07
N MET B 341 -13.13 -4.13 -13.10
CA MET B 341 -13.08 -4.94 -14.32
C MET B 341 -14.47 -5.31 -14.81
N LEU B 342 -15.46 -5.34 -13.92
CA LEU B 342 -16.80 -5.74 -14.33
C LEU B 342 -17.69 -4.56 -14.70
N PHE B 343 -17.47 -3.38 -14.14
CA PHE B 343 -18.36 -2.25 -14.38
C PHE B 343 -17.74 -1.11 -15.17
N VAL B 344 -16.49 -0.74 -14.89
CA VAL B 344 -15.87 0.43 -15.50
C VAL B 344 -14.70 -0.06 -16.35
N GLY B 345 -14.85 -1.24 -16.93
CA GLY B 345 -13.79 -1.84 -17.72
C GLY B 345 -13.33 -0.97 -18.87
N GLY B 346 -14.21 -0.72 -19.85
CA GLY B 346 -13.89 0.15 -20.95
C GLY B 346 -14.90 1.28 -21.10
N ASN B 347 -15.75 1.45 -20.09
CA ASN B 347 -16.82 2.43 -20.13
C ASN B 347 -16.30 3.85 -20.21
N VAL B 348 -15.60 4.29 -19.16
CA VAL B 348 -15.36 5.72 -18.93
C VAL B 348 -14.53 6.33 -20.04
N ILE B 349 -13.52 5.60 -20.55
CA ILE B 349 -12.64 6.18 -21.56
C ILE B 349 -13.42 6.59 -22.80
N ARG B 350 -14.18 5.66 -23.36
CA ARG B 350 -14.91 5.96 -24.59
C ARG B 350 -16.14 6.80 -24.30
N LYS B 351 -16.65 6.79 -23.07
CA LYS B 351 -17.82 7.59 -22.75
C LYS B 351 -17.48 9.06 -22.57
N PHE B 352 -16.27 9.36 -22.09
CA PHE B 352 -15.93 10.74 -21.74
C PHE B 352 -14.66 11.26 -22.41
N GLY B 353 -14.13 10.56 -23.41
CA GLY B 353 -12.95 11.05 -24.09
C GLY B 353 -11.68 10.62 -23.40
N TRP B 354 -10.55 10.95 -24.03
CA TRP B 354 -9.27 10.53 -23.48
C TRP B 354 -8.80 11.41 -22.34
N LEU B 355 -9.10 12.71 -22.41
CA LEU B 355 -8.60 13.64 -21.39
C LEU B 355 -9.14 13.29 -20.02
N THR B 356 -10.43 12.98 -19.92
CA THR B 356 -11.01 12.68 -18.62
C THR B 356 -10.47 11.37 -18.08
N GLY B 357 -10.33 10.36 -18.93
CA GLY B 357 -9.76 9.10 -18.48
C GLY B 357 -8.34 9.26 -17.99
N ALA B 358 -7.56 10.11 -18.67
CA ALA B 358 -6.19 10.36 -18.25
C ALA B 358 -6.11 11.27 -17.03
N LEU B 359 -7.17 12.02 -16.73
CA LEU B 359 -7.18 12.93 -15.60
C LEU B 359 -7.80 12.34 -14.34
N VAL B 360 -8.57 11.26 -14.45
CA VAL B 360 -9.18 10.66 -13.26
C VAL B 360 -8.11 10.23 -12.28
N THR B 361 -7.07 9.56 -12.75
CA THR B 361 -6.04 9.05 -11.84
C THR B 361 -5.26 10.16 -11.15
N PRO B 362 -4.76 11.19 -11.85
CA PRO B 362 -4.07 12.27 -11.11
C PRO B 362 -4.97 13.00 -10.14
N VAL B 363 -6.22 13.30 -10.50
CA VAL B 363 -7.07 14.04 -9.57
C VAL B 363 -7.49 13.16 -8.40
N MET B 364 -7.63 11.86 -8.63
CA MET B 364 -7.95 10.95 -7.53
C MET B 364 -6.78 10.85 -6.56
N VAL B 365 -5.56 10.70 -7.10
CA VAL B 365 -4.38 10.71 -6.25
C VAL B 365 -4.27 12.04 -5.51
N LEU B 366 -4.58 13.13 -6.19
CA LEU B 366 -4.48 14.45 -5.56
C LEU B 366 -5.45 14.56 -4.40
N LEU B 367 -6.71 14.21 -4.60
CA LEU B 367 -7.71 14.33 -3.54
C LEU B 367 -7.38 13.39 -2.38
N THR B 368 -7.26 12.09 -2.65
CA THR B 368 -6.99 11.13 -1.59
C THR B 368 -5.59 11.24 -1.03
N GLY B 369 -4.75 12.12 -1.58
CA GLY B 369 -3.44 12.36 -1.01
C GLY B 369 -3.41 13.62 -0.19
N ILE B 370 -4.12 14.66 -0.61
CA ILE B 370 -4.18 15.85 0.23
C ILE B 370 -5.00 15.57 1.47
N VAL B 371 -6.04 14.74 1.36
CA VAL B 371 -6.79 14.37 2.56
C VAL B 371 -5.90 13.55 3.50
N PHE B 372 -5.16 12.60 2.94
CA PHE B 372 -4.28 11.76 3.76
C PHE B 372 -3.20 12.60 4.44
N PHE B 373 -2.56 13.51 3.68
CA PHE B 373 -1.50 14.32 4.25
C PHE B 373 -2.04 15.36 5.21
N ALA B 374 -3.31 15.78 5.05
CA ALA B 374 -3.91 16.66 6.04
C ALA B 374 -4.17 15.91 7.34
N LEU B 375 -4.61 14.65 7.23
CA LEU B 375 -4.81 13.85 8.43
C LEU B 375 -3.49 13.52 9.11
N VAL B 376 -2.42 13.35 8.34
CA VAL B 376 -1.13 13.00 8.93
C VAL B 376 -0.44 14.22 9.52
N ILE B 377 -0.51 15.36 8.84
CA ILE B 377 0.15 16.57 9.32
C ILE B 377 -0.64 17.19 10.45
N PHE B 378 -1.94 17.40 10.24
CA PHE B 378 -2.80 18.01 11.23
C PHE B 378 -3.48 16.95 12.10
N ARG B 379 -2.65 16.13 12.73
CA ARG B 379 -3.18 15.13 13.66
C ARG B 379 -3.81 15.79 14.88
N ASN B 380 -3.05 16.61 15.60
CA ASN B 380 -3.56 17.23 16.81
C ASN B 380 -4.73 18.15 16.52
N GLN B 381 -4.75 18.78 15.34
CA GLN B 381 -5.89 19.61 14.99
C GLN B 381 -7.13 18.77 14.68
N ALA B 382 -6.93 17.58 14.11
CA ALA B 382 -8.05 16.71 13.77
C ALA B 382 -8.50 15.89 14.97
N SER B 383 -7.55 15.44 15.80
CA SER B 383 -7.90 14.65 16.97
C SER B 383 -8.69 15.53 17.92
N GLY B 384 -9.99 15.31 17.98
CA GLY B 384 -10.90 16.14 18.75
C GLY B 384 -12.13 16.46 17.94
N LEU B 385 -11.96 16.61 16.63
CA LEU B 385 -13.09 16.65 15.72
C LEU B 385 -13.38 15.27 15.15
N VAL B 386 -12.33 14.49 14.91
CA VAL B 386 -12.50 13.10 14.49
C VAL B 386 -12.85 12.22 15.68
N ALA B 387 -12.36 12.56 16.87
CA ALA B 387 -12.70 11.81 18.06
C ALA B 387 -14.19 11.78 18.31
N MET B 388 -14.90 12.82 17.88
CA MET B 388 -16.36 12.87 17.97
C MET B 388 -17.03 12.01 16.92
N PHE B 389 -16.26 11.21 16.19
CA PHE B 389 -16.81 10.27 15.22
C PHE B 389 -16.38 8.83 15.50
N GLY B 390 -15.77 8.58 16.64
CA GLY B 390 -15.45 7.24 17.08
C GLY B 390 -14.07 6.77 16.69
N THR B 391 -13.35 7.54 15.89
CA THR B 391 -12.04 7.12 15.42
C THR B 391 -11.02 8.23 15.64
N THR B 392 -9.77 7.84 15.66
CA THR B 392 -8.63 8.74 15.77
C THR B 392 -8.14 9.13 14.39
N PRO B 393 -7.45 10.27 14.26
CA PRO B 393 -6.91 10.64 12.95
C PRO B 393 -5.85 9.68 12.46
N LEU B 394 -5.28 8.85 13.33
CA LEU B 394 -4.35 7.81 12.87
C LEU B 394 -5.09 6.74 12.11
N MET B 395 -6.17 6.20 12.69
CA MET B 395 -6.97 5.20 11.98
C MET B 395 -7.61 5.79 10.74
N LEU B 396 -8.03 7.06 10.81
CA LEU B 396 -8.64 7.70 9.66
C LEU B 396 -7.63 7.90 8.54
N ALA B 397 -6.39 8.25 8.91
CA ALA B 397 -5.34 8.38 7.90
C ALA B 397 -4.98 7.02 7.30
N VAL B 398 -4.96 5.98 8.13
CA VAL B 398 -4.74 4.62 7.62
C VAL B 398 -5.82 4.26 6.62
N VAL B 399 -7.07 4.57 6.94
CA VAL B 399 -8.19 4.22 6.07
C VAL B 399 -8.11 5.00 4.77
N VAL B 400 -7.79 6.29 4.85
CA VAL B 400 -7.73 7.11 3.64
C VAL B 400 -6.58 6.67 2.75
N GLY B 401 -5.43 6.34 3.35
CA GLY B 401 -4.32 5.85 2.56
C GLY B 401 -4.60 4.50 1.92
N ALA B 402 -5.29 3.62 2.66
CA ALA B 402 -5.70 2.35 2.09
C ALA B 402 -6.66 2.55 0.94
N ILE B 403 -7.57 3.51 1.08
CA ILE B 403 -8.53 3.79 0.00
C ILE B 403 -7.79 4.31 -1.23
N GLN B 404 -6.80 5.18 -1.02
CA GLN B 404 -6.04 5.71 -2.14
C GLN B 404 -5.27 4.61 -2.84
N ASN B 405 -4.59 3.75 -2.07
CA ASN B 405 -3.84 2.65 -2.66
C ASN B 405 -4.76 1.68 -3.40
N ILE B 406 -5.92 1.37 -2.81
CA ILE B 406 -6.86 0.46 -3.45
C ILE B 406 -7.36 1.04 -4.76
N LEU B 407 -7.71 2.33 -4.75
CA LEU B 407 -8.23 2.96 -5.96
C LEU B 407 -7.16 3.02 -7.05
N SER B 408 -5.92 3.31 -6.67
CA SER B 408 -4.86 3.35 -7.67
C SER B 408 -4.57 1.98 -8.26
N LYS B 409 -4.29 1.00 -7.39
CA LYS B 409 -3.99 -0.35 -7.86
C LYS B 409 -5.18 -1.00 -8.55
N SER B 410 -6.39 -0.48 -8.35
CA SER B 410 -7.58 -1.02 -8.99
C SER B 410 -7.81 -0.37 -10.35
N THR B 411 -8.03 0.94 -10.38
CA THR B 411 -8.18 1.63 -11.65
C THR B 411 -6.86 2.18 -12.15
N LYS B 412 -5.82 1.34 -12.11
CA LYS B 412 -4.68 1.56 -12.98
C LYS B 412 -4.90 0.88 -14.34
N TYR B 413 -5.07 -0.44 -14.32
CA TYR B 413 -5.18 -1.22 -15.55
C TYR B 413 -6.34 -0.78 -16.42
N ALA B 414 -7.37 -0.16 -15.85
CA ALA B 414 -8.56 0.23 -16.59
C ALA B 414 -8.64 1.72 -16.90
N LEU B 415 -7.85 2.55 -16.23
CA LEU B 415 -7.94 4.00 -16.43
C LEU B 415 -6.63 4.63 -16.87
N PHE B 416 -5.50 4.21 -16.32
CA PHE B 416 -4.23 4.84 -16.66
C PHE B 416 -3.52 4.12 -17.79
N ASP B 417 -3.37 2.80 -17.68
CA ASP B 417 -2.77 2.02 -18.76
C ASP B 417 -3.63 2.09 -20.02
N SER B 418 -4.95 2.10 -19.85
CA SER B 418 -5.85 2.16 -20.99
C SER B 418 -5.75 3.46 -21.75
N THR B 419 -5.42 4.56 -21.08
CA THR B 419 -5.19 5.84 -21.75
C THR B 419 -3.77 5.96 -22.28
N LYS B 420 -2.79 5.39 -21.60
CA LYS B 420 -1.44 5.29 -22.14
C LYS B 420 -1.45 4.60 -23.51
N GLU B 421 -1.93 3.35 -23.53
CA GLU B 421 -1.93 2.60 -24.78
C GLU B 421 -2.83 3.25 -25.82
N MET B 422 -3.91 3.91 -25.39
CA MET B 422 -4.73 4.64 -26.36
C MET B 422 -3.98 5.82 -26.96
N ALA B 423 -3.11 6.47 -26.18
CA ALA B 423 -2.28 7.53 -26.71
C ALA B 423 -1.21 6.98 -27.65
N TYR B 424 -0.79 5.75 -27.43
CA TYR B 424 0.16 5.12 -28.34
C TYR B 424 -0.40 4.86 -29.73
N ILE B 425 -1.72 5.03 -29.92
CA ILE B 425 -2.37 4.61 -31.15
C ILE B 425 -2.08 5.54 -32.33
N PRO B 426 -2.39 6.84 -32.25
CA PRO B 426 -2.33 7.68 -33.47
C PRO B 426 -0.93 7.89 -34.02
N LEU B 427 0.10 7.31 -33.41
CA LEU B 427 1.46 7.47 -33.89
C LEU B 427 1.75 6.52 -35.04
N ASP B 428 2.72 6.90 -35.87
CA ASP B 428 3.19 6.00 -36.91
C ASP B 428 3.95 4.84 -36.29
N GLN B 429 3.94 3.70 -37.00
CA GLN B 429 4.42 2.45 -36.41
C GLN B 429 5.84 2.57 -35.88
N GLU B 430 6.73 3.21 -36.64
CA GLU B 430 8.12 3.37 -36.21
C GLU B 430 8.20 4.09 -34.87
N GLN B 431 7.74 5.34 -34.84
CA GLN B 431 7.78 6.11 -33.60
C GLN B 431 6.91 5.46 -32.53
N LYS B 432 5.83 4.80 -32.93
CA LYS B 432 4.98 4.10 -31.97
C LYS B 432 5.79 3.07 -31.18
N VAL B 433 6.37 2.09 -31.87
CA VAL B 433 7.07 1.02 -31.19
C VAL B 433 8.32 1.55 -30.49
N LYS B 434 9.02 2.49 -31.12
CA LYS B 434 10.27 2.97 -30.52
C LYS B 434 10.00 3.77 -29.25
N GLY B 435 9.02 4.68 -29.30
CA GLY B 435 8.66 5.41 -28.10
C GLY B 435 8.04 4.54 -27.03
N LYS B 436 7.29 3.52 -27.42
CA LYS B 436 6.74 2.59 -26.42
C LYS B 436 7.88 1.86 -25.71
N ALA B 437 8.85 1.36 -26.46
CA ALA B 437 10.01 0.75 -25.85
C ALA B 437 10.75 1.74 -24.96
N ALA B 438 10.89 2.98 -25.42
CA ALA B 438 11.61 3.99 -24.63
C ALA B 438 10.92 4.23 -23.30
N ILE B 439 9.61 4.49 -23.32
CA ILE B 439 8.87 4.68 -22.07
C ILE B 439 9.01 3.46 -21.18
N ASP B 440 8.67 2.27 -21.70
CA ASP B 440 8.66 1.10 -20.84
C ASP B 440 10.05 0.59 -20.49
N VAL B 441 11.12 1.22 -20.99
CA VAL B 441 12.49 0.89 -20.58
C VAL B 441 13.03 1.87 -19.55
N VAL B 442 12.73 3.17 -19.71
CA VAL B 442 13.22 4.12 -18.73
C VAL B 442 12.20 4.30 -17.60
N ALA B 443 11.01 4.79 -17.92
CA ALA B 443 10.06 5.17 -16.88
C ALA B 443 9.47 3.98 -16.14
N ALA B 444 9.78 2.75 -16.56
CA ALA B 444 9.31 1.58 -15.84
C ALA B 444 9.86 1.55 -14.42
N ARG B 445 11.08 2.02 -14.25
CA ARG B 445 11.56 2.09 -12.87
C ARG B 445 11.89 3.51 -12.58
N PHE B 446 12.33 4.20 -13.59
CA PHE B 446 12.74 5.57 -13.27
C PHE B 446 11.79 6.20 -12.27
N GLY B 447 10.49 6.02 -12.45
CA GLY B 447 9.52 6.54 -11.52
C GLY B 447 9.67 5.99 -10.12
N LYS B 448 9.79 4.66 -10.01
CA LYS B 448 9.94 4.05 -8.69
C LYS B 448 11.24 4.47 -8.03
N SER B 449 12.36 4.42 -8.76
CA SER B 449 13.64 4.79 -8.17
C SER B 449 13.66 6.27 -7.79
N GLY B 450 12.96 7.12 -8.56
CA GLY B 450 12.91 8.53 -8.21
C GLY B 450 12.04 8.80 -7.02
N GLY B 451 10.90 8.10 -6.91
CA GLY B 451 10.08 8.22 -5.73
C GLY B 451 10.79 7.71 -4.49
N ALA B 452 11.71 6.77 -4.68
CA ALA B 452 12.51 6.29 -3.55
C ALA B 452 13.61 7.29 -3.20
N LEU B 453 14.24 7.88 -4.20
CA LEU B 453 15.33 8.81 -3.95
C LEU B 453 14.83 10.11 -3.34
N ILE B 454 13.66 10.59 -3.78
CA ILE B 454 13.07 11.76 -3.18
C ILE B 454 12.83 11.53 -1.69
N GLN B 455 12.30 10.36 -1.34
CA GLN B 455 12.03 10.07 0.06
C GLN B 455 13.32 9.86 0.85
N GLN B 456 14.35 9.30 0.22
CA GLN B 456 15.64 9.19 0.89
C GLN B 456 16.21 10.56 1.20
N GLY B 457 16.18 11.46 0.22
CA GLY B 457 16.67 12.81 0.45
C GLY B 457 15.87 13.55 1.50
N LEU B 458 14.55 13.39 1.48
CA LEU B 458 13.72 14.05 2.47
C LEU B 458 13.93 13.47 3.86
N LEU B 459 14.20 12.17 3.96
CA LEU B 459 14.50 11.57 5.26
C LEU B 459 15.84 12.07 5.78
N VAL B 460 16.84 12.20 4.91
CA VAL B 460 18.15 12.64 5.35
C VAL B 460 18.11 14.10 5.76
N ILE B 461 17.41 14.93 4.99
CA ILE B 461 17.37 16.36 5.29
C ILE B 461 16.46 16.65 6.48
N CYS B 462 15.22 16.19 6.42
CA CYS B 462 14.25 16.50 7.47
C CYS B 462 14.59 15.78 8.76
N GLY B 463 14.84 14.47 8.69
CA GLY B 463 15.28 13.70 9.82
C GLY B 463 14.34 12.60 10.27
N SER B 464 13.12 12.56 9.75
CA SER B 464 12.16 11.52 10.13
C SER B 464 11.07 11.46 9.07
N ILE B 465 10.14 10.54 9.28
CA ILE B 465 8.97 10.47 8.41
C ILE B 465 7.94 11.50 8.81
N GLY B 466 7.78 11.73 10.11
CA GLY B 466 6.85 12.73 10.58
C GLY B 466 7.27 14.14 10.24
N ALA B 467 8.57 14.37 10.09
CA ALA B 467 9.08 15.69 9.78
C ALA B 467 9.15 15.98 8.28
N MET B 468 9.09 14.94 7.45
CA MET B 468 9.17 15.11 6.00
C MET B 468 7.80 15.15 5.34
N THR B 469 6.73 14.84 6.07
CA THR B 469 5.40 14.80 5.47
C THR B 469 4.87 16.16 5.01
N PRO B 470 5.28 17.30 5.58
CA PRO B 470 4.88 18.57 4.95
C PRO B 470 5.56 18.80 3.62
N TYR B 471 6.75 18.25 3.42
CA TYR B 471 7.46 18.41 2.17
C TYR B 471 7.02 17.38 1.13
N LEU B 472 6.54 16.22 1.57
CA LEU B 472 5.96 15.26 0.63
C LEU B 472 4.68 15.82 0.01
N ALA B 473 3.90 16.57 0.78
CA ALA B 473 2.68 17.13 0.26
C ALA B 473 2.97 18.22 -0.77
N VAL B 474 4.03 19.01 -0.54
CA VAL B 474 4.40 20.03 -1.51
C VAL B 474 4.99 19.40 -2.75
N ILE B 475 5.79 18.36 -2.59
CA ILE B 475 6.35 17.67 -3.74
C ILE B 475 5.26 16.95 -4.52
N LEU B 476 4.31 16.34 -3.81
CA LEU B 476 3.19 15.66 -4.48
C LEU B 476 2.34 16.66 -5.26
N LEU B 477 2.20 17.88 -4.75
CA LEU B 477 1.47 18.90 -5.49
C LEU B 477 2.27 19.38 -6.69
N PHE B 478 3.60 19.41 -6.57
CA PHE B 478 4.41 19.87 -7.68
C PHE B 478 4.50 18.83 -8.80
N ILE B 479 4.30 17.56 -8.46
CA ILE B 479 4.38 16.50 -9.45
C ILE B 479 3.02 16.25 -10.11
N ILE B 480 1.95 16.27 -9.32
CA ILE B 480 0.61 16.16 -9.89
C ILE B 480 0.30 17.37 -10.76
N ALA B 481 0.86 18.53 -10.42
CA ALA B 481 0.72 19.68 -11.31
C ALA B 481 1.39 19.40 -12.65
N ILE B 482 2.59 18.81 -12.63
CA ILE B 482 3.22 18.36 -13.86
C ILE B 482 2.39 17.28 -14.52
N TRP B 483 1.86 16.36 -13.71
CA TRP B 483 1.03 15.27 -14.24
C TRP B 483 -0.22 15.82 -14.92
N LEU B 484 -0.84 16.84 -14.33
CA LEU B 484 -2.08 17.36 -14.89
C LEU B 484 -1.82 18.24 -16.11
N VAL B 485 -0.74 19.04 -16.07
CA VAL B 485 -0.44 19.91 -17.20
C VAL B 485 0.07 19.12 -18.38
N SER B 486 0.84 18.05 -18.12
CA SER B 486 1.32 17.22 -19.21
C SER B 486 0.19 16.40 -19.83
N ALA B 487 -0.73 15.89 -19.01
CA ALA B 487 -1.88 15.18 -19.57
C ALA B 487 -2.81 16.13 -20.32
N THR B 488 -2.92 17.38 -19.87
CA THR B 488 -3.74 18.35 -20.59
C THR B 488 -3.11 18.75 -21.91
N LYS B 489 -1.78 18.84 -21.94
CA LYS B 489 -1.09 19.17 -23.18
C LYS B 489 -1.05 17.97 -24.12
N LEU B 490 -0.80 16.77 -23.57
CA LEU B 490 -0.82 15.56 -24.38
C LEU B 490 -2.19 15.35 -25.03
N ASN B 491 -3.26 15.79 -24.36
CA ASN B 491 -4.59 15.66 -24.95
C ASN B 491 -4.75 16.55 -26.18
N LYS B 492 -3.99 17.64 -26.26
CA LYS B 492 -4.07 18.50 -27.43
C LYS B 492 -3.33 17.88 -28.61
N LEU B 493 -2.18 17.25 -28.36
CA LEU B 493 -1.48 16.54 -29.43
C LEU B 493 -2.09 15.19 -29.74
N PHE B 494 -2.92 14.66 -28.84
CA PHE B 494 -3.61 13.40 -29.11
C PHE B 494 -4.86 13.63 -29.94
N LEU B 495 -5.59 14.71 -29.67
CA LEU B 495 -6.80 15.00 -30.44
C LEU B 495 -6.46 15.46 -31.85
N ALA B 496 -5.40 16.25 -32.00
CA ALA B 496 -5.04 16.77 -33.32
C ALA B 496 -4.56 15.65 -34.23
N GLN B 497 -3.63 14.83 -33.75
CA GLN B 497 -3.08 13.77 -34.58
C GLN B 497 -4.12 12.72 -34.92
N SER B 498 -5.11 12.51 -34.04
CA SER B 498 -6.15 11.54 -34.32
C SER B 498 -7.06 12.00 -35.45
N ALA B 499 -7.22 13.30 -35.64
CA ALA B 499 -8.11 13.80 -36.68
C ALA B 499 -7.49 13.62 -38.07
N LEU B 500 -6.22 13.97 -38.22
CA LEU B 500 -5.57 13.81 -39.52
C LEU B 500 -5.38 12.34 -39.87
N LYS B 501 -5.28 11.48 -38.85
CA LYS B 501 -5.18 10.04 -39.09
C LYS B 501 -6.47 9.47 -39.67
N GLU B 502 -7.61 10.12 -39.43
CA GLU B 502 -8.88 9.63 -39.94
C GLU B 502 -8.91 9.70 -41.47
N GLN B 503 -8.53 10.84 -42.04
CA GLN B 503 -8.48 11.00 -43.48
C GLN B 503 -7.28 10.26 -44.06
PG ATP C . 6.13 -3.15 -5.24
O1G ATP C . 5.89 -2.78 -3.79
O2G ATP C . 6.12 -4.62 -5.54
O3G ATP C . 7.27 -2.45 -5.91
PB ATP C . 4.78 -1.06 -6.51
O1B ATP C . 5.85 -0.24 -5.83
O2B ATP C . 3.36 -0.59 -6.54
O3B ATP C . 4.83 -2.57 -5.95
PA ATP C . 4.86 -2.76 -8.57
O1A ATP C . 3.41 -2.99 -8.24
O2A ATP C . 5.91 -3.71 -8.09
O3A ATP C . 5.24 -1.32 -8.02
O5' ATP C . 4.93 -2.58 -10.16
C5' ATP C . 4.25 -3.53 -10.94
C4' ATP C . 4.65 -4.88 -10.36
O4' ATP C . 3.54 -5.51 -9.73
C3' ATP C . 5.15 -5.79 -11.45
O3' ATP C . 6.49 -6.16 -11.15
C2' ATP C . 4.23 -6.98 -11.42
O2' ATP C . 4.97 -8.08 -10.91
C1' ATP C . 3.12 -6.65 -10.46
N9 ATP C . 1.89 -6.27 -11.18
C8 ATP C . 1.80 -5.32 -12.13
N7 ATP C . 0.54 -5.20 -12.59
C5 ATP C . -0.21 -6.10 -11.91
C6 ATP C . -1.63 -6.50 -11.90
N6 ATP C . -2.52 -5.92 -12.71
N1 ATP C . -1.99 -7.47 -11.04
C2 ATP C . -1.11 -8.07 -10.21
N3 ATP C . 0.20 -7.75 -10.18
C4 ATP C . 0.70 -6.79 -10.98
#